data_2MXS
#
_entry.id   2MXS
#
loop_
_entity.id
_entity.type
_entity.pdbx_description
1 polymer 'RNA (27-MER)'
2 non-polymer PAROMOMYCIN
#
_entity_poly.entity_id   1
_entity_poly.type   'polyribonucleotide'
_entity_poly.pdbx_seq_one_letter_code
;GGCUGCUUGUCCUUUAAUGGUCCAGUC
;
_entity_poly.pdbx_strand_id   A
#
loop_
_chem_comp.id
_chem_comp.type
_chem_comp.name
_chem_comp.formula
A RNA linking ADENOSINE-5'-MONOPHOSPHATE 'C10 H14 N5 O7 P'
C RNA linking CYTIDINE-5'-MONOPHOSPHATE 'C9 H14 N3 O8 P'
G RNA linking GUANOSINE-5'-MONOPHOSPHATE 'C10 H14 N5 O8 P'
PAR non-polymer PAROMOMYCIN 'C23 H45 N5 O14'
U RNA linking URIDINE-5'-MONOPHOSPHATE 'C9 H13 N2 O9 P'
#
# COMPACT_ATOMS: atom_id res chain seq x y z
C11 PAR B . 0.38 -0.34 -2.72
O11 PAR B . 1.78 -0.55 -2.55
C21 PAR B . -0.33 -1.67 -3.03
N21 PAR B . -0.05 -2.68 -2.00
C31 PAR B . 0.04 -2.17 -4.42
O31 PAR B . -0.76 -3.31 -4.74
C41 PAR B . -0.19 -1.08 -5.47
O41 PAR B . 0.30 -1.52 -6.73
C51 PAR B . 0.49 0.25 -5.08
O51 PAR B . 0.14 0.62 -3.74
C61 PAR B . 0.02 1.34 -6.06
O61 PAR B . 0.54 2.65 -5.70
C12 PAR B . 4.74 1.62 -0.30
N12 PAR B . 5.28 2.87 0.30
C22 PAR B . 4.62 1.77 -1.82
C32 PAR B . 3.93 0.56 -2.42
N32 PAR B . 3.92 0.66 -3.89
C42 PAR B . 2.51 0.46 -1.82
C52 PAR B . 2.62 0.16 -0.37
O52 PAR B . 1.30 0.03 0.14
C62 PAR B . 3.38 1.28 0.33
O62 PAR B . 3.58 0.99 1.70
C13 PAR B . 1.13 -0.76 1.32
C23 PAR B . 0.29 0.05 2.30
O23 PAR B . 0.72 -0.20 3.62
C33 PAR B . -1.14 -0.46 2.03
O33 PAR B . -2.03 -0.23 3.11
C43 PAR B . -0.83 -1.94 1.75
O43 PAR B . 0.37 -1.93 1.00
C53 PAR B . -1.91 -2.67 0.95
O53 PAR B . -2.73 -3.46 1.78
C14 PAR B . -2.47 1.12 3.24
C24 PAR B . -2.73 1.50 4.70
N24 PAR B . -1.53 1.25 5.53
C34 PAR B . -3.97 0.77 5.26
O34 PAR B . -4.20 1.23 6.58
C44 PAR B . -5.17 1.11 4.36
O44 PAR B . -6.32 0.42 4.80
C54 PAR B . -4.87 0.76 2.88
O54 PAR B . -3.64 1.35 2.45
C64 PAR B . -4.91 -0.74 2.59
N64 PAR B . -4.79 -1.02 1.15
H11 PAR B . -0.07 0.04 -1.79
H21 PAR B . -1.40 -1.47 -3.01
HN21 PAR B . -0.56 -3.53 -2.21
HN22 PAR B . -0.33 -2.33 -1.09
H31 PAR B . 1.09 -2.48 -4.42
HO31 PAR B . -0.33 -3.78 -5.47
H41 PAR B . -1.28 -0.91 -5.56
HO41 PAR B . 1.25 -1.67 -6.64
H51 PAR B . 1.57 0.14 -5.15
H611 PAR B . 0.37 1.08 -7.06
H612 PAR B . -1.07 1.37 -6.07
HO61 PAR B . 0.30 3.44 -6.26
H12 PAR B . 5.44 0.81 -0.09
H121 PAR B . 4.65 3.63 0.12
H122 PAR B . 5.38 2.74 1.30
H221 PAR B . 4.04 2.67 -2.05
H222 PAR B . 5.62 1.87 -2.24
H32 PAR B . 4.52 -0.32 -2.17
H321 PAR B . 3.49 -0.16 -4.28
H322 PAR B . 4.86 0.75 -4.23
H42 PAR B . 2.02 1.42 -1.97
H52 PAR B . 3.21 -0.72 -0.22
H62 PAR B . 2.71 2.09 0.24
HO62 PAR B . 4.16 0.23 1.77
H13 PAR B . 2.07 -1.05 1.77
H23 PAR B . 0.36 1.13 2.10
HO23 PAR B . 0.67 -1.15 3.77
H33 PAR B . -1.52 -0.01 1.11
H43 PAR B . -0.64 -2.46 2.69
H531 PAR B . -2.51 -1.95 0.40
H532 PAR B . -1.42 -3.34 0.23
HO53 PAR B . -2.33 -4.34 1.87
H14 PAR B . -1.68 1.80 2.89
H24 PAR B . -2.92 2.58 4.74
H241 PAR B . -1.33 0.26 5.52
H242 PAR B . -0.75 1.76 5.16
H34 PAR B . -3.78 -0.30 5.28
HO34 PAR B . -3.44 1.02 7.12
H44 PAR B . -5.36 2.17 4.42
HO44 PAR B . -7.06 0.67 4.24
H54 PAR B . -5.65 1.22 2.29
H641 PAR B . -4.12 -1.25 3.13
H642 PAR B . -5.87 -1.14 2.94
HN61 PAR B . -3.90 -0.67 0.83
HN62 PAR B . -4.84 -2.01 0.99
HN23 PAR B . 0.94 -2.87 -1.98
H123 PAR B . 6.18 3.06 -0.10
H323 PAR B . 3.38 1.47 -4.16
H243 PAR B . -1.71 1.55 6.48
HN63 PAR B . -5.54 -0.56 0.65
C11 PAR B . 0.37 -0.36 -2.83
O11 PAR B . 1.79 -0.49 -2.76
C21 PAR B . -0.26 -1.73 -3.16
N21 PAR B . 0.17 -2.75 -2.17
C31 PAR B . 0.12 -2.15 -4.58
O31 PAR B . -0.57 -3.34 -4.90
C41 PAR B . -0.25 -1.07 -5.60
O41 PAR B . 0.27 -1.41 -6.86
C51 PAR B . 0.28 0.32 -5.17
O51 PAR B . -0.03 0.61 -3.80
C61 PAR B . -0.34 1.37 -6.11
O61 PAR B . -0.02 2.73 -5.72
C12 PAR B . 5.03 1.53 -0.86
N12 PAR B . 5.81 2.66 -0.32
C22 PAR B . 4.79 1.70 -2.37
C32 PAR B . 3.94 0.54 -2.86
N32 PAR B . 3.84 0.60 -4.33
C42 PAR B . 2.56 0.57 -2.18
C52 PAR B . 2.74 0.39 -0.70
O52 PAR B . 1.48 0.53 -0.09
C62 PAR B . 3.68 1.43 -0.15
O62 PAR B . 3.93 1.26 1.22
C13 PAR B . 1.30 -0.20 1.11
C23 PAR B . 0.45 0.65 2.06
O23 PAR B . 0.99 0.59 3.37
C33 PAR B . -0.93 -0.02 1.98
O33 PAR B . -1.67 0.19 3.18
C43 PAR B . -0.56 -1.47 1.70
O43 PAR B . 0.56 -1.38 0.84
C53 PAR B . -1.66 -2.23 0.98
O53 PAR B . -1.18 -3.48 0.55
C14 PAR B . -2.31 1.46 3.26
C24 PAR B . -2.37 1.97 4.71
N24 PAR B . -1.04 2.00 5.33
C34 PAR B . -3.36 1.14 5.55
O34 PAR B . -3.52 1.73 6.82
C44 PAR B . -4.73 1.13 4.83
O44 PAR B . -5.64 0.32 5.55
C54 PAR B . -4.60 0.62 3.38
O54 PAR B . -3.60 1.40 2.69
C64 PAR B . -4.30 -0.88 3.26
N64 PAR B . -5.52 -1.70 3.35
H11 PAR B . -0.04 -0.06 -1.86
H21 PAR B . -1.35 -1.67 -3.10
HN21 PAR B . -0.26 -3.63 -2.40
HN22 PAR B . -0.11 -2.45 -1.25
H31 PAR B . 1.19 -2.34 -4.62
HO31 PAR B . -0.15 -3.74 -5.67
H41 PAR B . -1.34 -1.02 -5.66
HO41 PAR B . -0.09 -2.26 -7.12
H51 PAR B . 1.37 0.34 -5.30
H611 PAR B . 0.03 1.20 -7.12
H612 PAR B . -1.42 1.25 -6.11
HO61 PAR B . -0.38 3.50 -6.25
H12 PAR B . 5.60 0.61 -0.70
H121 PAR B . 5.96 2.51 0.67
H122 PAR B . 6.70 2.71 -0.79
H221 PAR B . 4.27 2.64 -2.55
H222 PAR B . 5.75 1.71 -2.89
H32 PAR B . 4.47 -0.38 -2.62
H321 PAR B . 3.35 1.44 -4.59
H322 PAR B . 3.32 -0.20 -4.65
H42 PAR B . 2.10 1.53 -2.38
H52 PAR B . 3.20 -0.55 -0.50
H62 PAR B . 3.13 2.33 -0.29
HO62 PAR B . 4.41 0.43 1.33
H13 PAR B . 2.23 -0.47 1.59
H23 PAR B . 0.39 1.68 1.74
HO23 PAR B . 1.88 0.95 3.34
H33 PAR B . -1.48 0.37 1.11
H43 PAR B . -0.29 -1.98 2.63
H531 PAR B . -2.51 -2.37 1.64
H532 PAR B . -1.98 -1.66 0.10
HO53 PAR B . -1.20 -4.10 1.28
H14 PAR B . -1.72 2.20 2.71
H24 PAR B . -2.74 3.00 4.68
H241 PAR B . -1.10 2.38 6.27
H242 PAR B . -0.67 1.05 5.37
H34 PAR B . -2.99 0.13 5.66
HO34 PAR B . -4.16 1.22 7.32
H44 PAR B . -5.11 2.14 4.80
HO44 PAR B . -5.30 -0.57 5.56
H54 PAR B . -5.54 0.82 2.86
H641 PAR B . -3.82 -1.08 2.31
H642 PAR B . -3.61 -1.17 4.06
HN61 PAR B . -5.27 -2.68 3.27
HN62 PAR B . -5.97 -1.55 4.24
HN23 PAR B . 1.17 -2.84 -2.21
H123 PAR B . 5.30 3.52 -0.46
H323 PAR B . 4.76 0.60 -4.74
H243 PAR B . -0.42 2.57 4.78
HN63 PAR B . -6.14 -1.46 2.60
C11 PAR B . 0.91 -0.11 -2.58
O11 PAR B . 2.31 -0.32 -2.47
C21 PAR B . 0.20 -1.43 -2.83
N21 PAR B . 0.57 -2.44 -1.81
C31 PAR B . 0.47 -1.96 -4.24
O31 PAR B . -0.36 -3.07 -4.48
C41 PAR B . 0.15 -0.87 -5.29
O41 PAR B . 0.55 -1.32 -6.57
C51 PAR B . 0.86 0.45 -4.96
O51 PAR B . 0.60 0.84 -3.60
C61 PAR B . 0.31 1.51 -5.94
O61 PAR B . 0.72 2.86 -5.59
C12 PAR B . 5.41 1.76 -0.40
N12 PAR B . 6.12 2.93 0.14
C22 PAR B . 5.26 1.89 -1.92
C32 PAR B . 4.48 0.71 -2.46
N32 PAR B . 4.43 0.75 -3.92
C42 PAR B . 3.07 0.70 -1.82
C52 PAR B . 3.22 0.47 -0.35
O52 PAR B . 1.92 0.39 0.21
C62 PAR B . 4.04 1.60 0.26
O62 PAR B . 4.22 1.45 1.66
C13 PAR B . 1.77 -0.34 1.42
C23 PAR B . 0.92 0.50 2.37
O23 PAR B . 1.47 0.43 3.68
C33 PAR B . -0.45 -0.15 2.26
O33 PAR B . -1.23 0.24 3.39
C43 PAR B . -0.05 -1.62 2.11
O43 PAR B . 1.03 -1.54 1.18
C53 PAR B . -1.15 -2.56 1.60
O53 PAR B . -0.72 -3.90 1.74
C14 PAR B . -2.63 0.33 3.20
C24 PAR B . -3.22 1.41 4.12
N24 PAR B . -2.47 2.69 3.97
C34 PAR B . -3.24 0.98 5.59
O34 PAR B . -3.96 1.95 6.33
C44 PAR B . -3.94 -0.39 5.71
O44 PAR B . -3.93 -0.83 7.05
C54 PAR B . -3.26 -1.42 4.78
O54 PAR B . -3.26 -0.93 3.44
C64 PAR B . -1.83 -1.82 5.21
N64 PAR B . -1.82 -2.82 6.29
H11 PAR B . 0.51 0.28 -1.63
H21 PAR B . -0.87 -1.27 -2.74
HN21 PAR B . 0.34 -2.09 -0.90
HN22 PAR B . 1.56 -2.62 -1.86
H31 PAR B . 1.52 -2.25 -4.33
HO31 PAR B . -0.08 -3.50 -5.28
H41 PAR B . -0.93 -0.70 -5.30
HO41 PAR B . 1.50 -1.47 -6.55
H51 PAR B . 1.94 0.35 -5.09
H611 PAR B . 0.67 1.28 -6.93
H612 PAR B . -0.77 1.47 -5.93
HO61 PAR B . 0.42 3.63 -6.15
H12 PAR B . 6.01 0.88 -0.18
H121 PAR B . 7.02 3.01 -0.30
H122 PAR B . 5.59 3.77 -0.05
H221 PAR B . 4.72 2.81 -2.15
H222 PAR B . 6.24 1.93 -2.37
H32 PAR B . 5.02 -0.20 -2.18
H321 PAR B . 5.37 0.76 -4.29
H322 PAR B . 3.94 1.59 -4.20
H42 PAR B . 2.61 1.67 -2.01
H52 PAR B . 3.79 -0.40 -0.16
H62 PAR B . 3.43 2.46 0.09
HO62 PAR B . 4.73 0.65 1.81
H13 PAR B . 2.73 -0.61 1.88
H23 PAR B . 0.89 1.54 2.05
HO23 PAR B . 0.90 0.92 4.27
H33 PAR B . -0.91 0.17 1.33
H43 PAR B . 0.32 -1.99 3.06
H531 PAR B . -2.06 -2.42 2.19
H532 PAR B . -1.36 -2.34 0.55
HO53 PAR B . -1.44 -4.52 1.57
H14 PAR B . -2.84 0.64 2.17
H24 PAR B . -4.25 1.59 3.81
H241 PAR B . -2.91 3.40 4.55
H242 PAR B . -1.51 2.56 4.25
H34 PAR B . -2.22 0.91 5.98
HO34 PAR B . -3.97 1.68 7.25
H44 PAR B . -4.98 -0.28 5.40
HO44 PAR B . -4.40 -1.68 7.10
H54 PAR B . -3.86 -2.32 4.78
H641 PAR B . -1.32 -2.22 4.34
H642 PAR B . -1.29 -0.94 5.54
HN61 PAR B . -2.30 -3.66 5.97
HN62 PAR B . -0.86 -3.05 6.52
HN23 PAR B . 0.06 -3.29 -1.97
H123 PAR B . 6.24 2.82 1.14
H323 PAR B . 3.94 -0.06 -4.27
H243 PAR B . -2.51 2.98 3.00
HN63 PAR B . -2.28 -2.45 7.10
C11 PAR B . 0.68 -0.39 -2.85
O11 PAR B . 2.09 -0.54 -2.68
C21 PAR B . 0.01 -1.74 -3.15
N21 PAR B . 0.42 -2.75 -2.17
C31 PAR B . 0.29 -2.23 -4.59
O31 PAR B . -0.58 -3.31 -4.85
C41 PAR B . 0.03 -1.10 -5.61
O41 PAR B . 0.51 -1.53 -6.88
C51 PAR B . 0.75 0.19 -5.20
O51 PAR B . 0.40 0.57 -3.87
C61 PAR B . 0.33 1.31 -6.17
O61 PAR B . 0.82 2.61 -5.74
C12 PAR B . 4.94 1.87 -0.56
N12 PAR B . 5.44 3.14 -0.02
C22 PAR B . 4.83 1.95 -2.08
C32 PAR B . 4.21 0.66 -2.60
N32 PAR B . 4.21 0.64 -4.07
C42 PAR B . 2.77 0.55 -2.03
C52 PAR B . 2.87 0.35 -0.55
O52 PAR B . 1.56 0.24 -0.05
C62 PAR B . 3.59 1.52 0.07
O62 PAR B . 3.78 1.31 1.47
C13 PAR B . 1.39 -0.53 1.14
C23 PAR B . 0.59 0.34 2.13
O23 PAR B . 0.95 0.01 3.46
C33 PAR B . -0.84 -0.05 1.76
O33 PAR B . -1.73 0.26 2.82
C43 PAR B . -0.69 -1.54 1.46
O43 PAR B . 0.58 -1.67 0.85
C53 PAR B . -1.81 -2.01 0.52
O53 PAR B . -1.62 -3.35 0.11
C14 PAR B . -2.35 1.55 2.71
C24 PAR B . -2.44 2.27 4.06
N24 PAR B . -1.10 2.30 4.71
C34 PAR B . -3.50 1.67 4.98
O34 PAR B . -3.63 2.47 6.14
C44 PAR B . -4.83 1.63 4.22
O44 PAR B . -5.88 1.14 5.02
C54 PAR B . -4.67 0.80 2.92
O54 PAR B . -3.65 1.40 2.12
C64 PAR B . -4.41 -0.70 3.12
N64 PAR B . -5.54 -1.43 3.71
H11 PAR B . 0.22 -0.04 -1.92
H21 PAR B . -1.06 -1.58 -3.05
HN21 PAR B . -0.08 -3.62 -2.36
HN22 PAR B . 0.18 -2.43 -1.24
H31 PAR B . 1.32 -2.57 -4.67
HO31 PAR B . -0.27 -3.74 -5.65
H41 PAR B . -1.03 -0.92 -5.68
HO41 PAR B . 0.06 -2.34 -7.12
H51 PAR B . 1.84 0.06 -5.26
H611 PAR B . 0.74 1.09 -7.15
H612 PAR B . -0.76 1.34 -6.23
HO61 PAR B . 0.60 3.42 -6.29
H12 PAR B . 5.66 1.09 -0.31
H121 PAR B . 4.79 3.88 -0.23
H122 PAR B . 5.55 3.07 0.98
H221 PAR B . 4.20 2.80 -2.35
H222 PAR B . 5.81 2.09 -2.52
H32 PAR B . 4.83 -0.17 -2.27
H321 PAR B . 3.85 -0.23 -4.40
H322 PAR B . 5.16 0.74 -4.40
H42 PAR B . 2.24 1.48 -2.25
H52 PAR B . 3.46 -0.49 -0.35
H62 PAR B . 2.90 2.31 -0.06
HO62 PAR B . 4.18 2.09 1.84
H13 PAR B . 2.34 -0.84 1.58
H23 PAR B . 0.77 1.41 1.96
HO23 PAR B . 1.88 0.20 3.58
H33 PAR B . -1.12 0.45 0.84
H43 PAR B . -0.71 -2.11 2.38
H531 PAR B . -2.77 -1.93 1.04
H532 PAR B . -1.84 -1.38 -0.36
HO53 PAR B . -1.56 -3.93 0.88
H14 PAR B . -1.75 2.19 2.07
H24 PAR B . -2.71 3.31 3.86
H241 PAR B . -1.17 2.82 5.57
H242 PAR B . -0.81 1.36 4.90
H34 PAR B . -3.20 0.66 5.28
HO34 PAR B . -3.88 3.36 5.87
H44 PAR B . -5.10 2.65 3.94
HO44 PAR B . -5.97 1.69 5.80
H54 PAR B . -5.60 0.89 2.35
H641 PAR B . -4.17 -1.14 2.15
H642 PAR B . -3.55 -0.83 3.77
HN61 PAR B . -6.34 -1.34 3.10
HN62 PAR B . -5.31 -2.41 3.79
HN23 PAR B . 1.41 -2.91 -2.23
H123 PAR B . 6.33 3.37 -0.43
H323 PAR B . 3.65 1.40 -4.42
H243 PAR B . -0.44 2.74 4.09
HN63 PAR B . -5.76 -1.06 4.61
C11 PAR B . 0.36 0.10 -2.62
O11 PAR B . 1.75 -0.15 -2.45
C21 PAR B . -0.37 -1.20 -2.95
N21 PAR B . -0.09 -2.24 -1.94
C31 PAR B . -0.02 -1.70 -4.36
O31 PAR B . -0.86 -2.79 -4.67
C41 PAR B . -0.22 -0.58 -5.40
O41 PAR B . 0.32 -1.02 -6.63
C51 PAR B . 0.47 0.72 -4.98
O51 PAR B . 0.14 1.08 -3.64
C61 PAR B . 0.01 1.84 -5.96
O61 PAR B . 0.64 3.12 -5.70
C12 PAR B . 4.89 1.97 -0.46
N12 PAR B . 5.56 3.18 0.05
C22 PAR B . 4.72 2.06 -1.97
C32 PAR B . 3.95 0.85 -2.47
N32 PAR B . 3.89 0.81 -3.93
C42 PAR B . 2.53 0.88 -1.83
C52 PAR B . 2.65 0.70 -0.36
O52 PAR B . 1.35 0.77 0.19
C62 PAR B . 3.53 1.78 0.23
O62 PAR B . 3.74 1.59 1.62
C13 PAR B . 1.08 -0.04 1.34
C23 PAR B . 0.08 0.72 2.23
O23 PAR B . 0.49 0.64 3.57
C33 PAR B . -1.23 -0.04 1.96
O33 PAR B . -2.16 0.09 3.04
C43 PAR B . -0.69 -1.46 1.76
O43 PAR B . 0.45 -1.25 0.94
C53 PAR B . -1.69 -2.43 1.10
O53 PAR B . -1.12 -3.72 0.98
C14 PAR B . -2.77 1.37 3.16
C24 PAR B . -3.40 1.56 4.55
N24 PAR B . -2.36 1.44 5.60
C34 PAR B . -4.55 0.58 4.76
O34 PAR B . -5.17 0.83 6.00
C44 PAR B . -5.58 0.77 3.62
O44 PAR B . -6.60 -0.21 3.75
C54 PAR B . -4.94 0.72 2.22
O54 PAR B . -3.78 1.54 2.16
C64 PAR B . -4.62 -0.69 1.70
N64 PAR B . -5.78 -1.35 1.08
H11 PAR B . -0.08 0.48 -1.69
H21 PAR B . -1.44 -1.02 -2.93
HN21 PAR B . -0.37 -1.91 -1.03
HN22 PAR B . 0.90 -2.45 -1.94
H31 PAR B . 1.02 -2.03 -4.38
HO31 PAR B . -0.53 -3.21 -5.47
H41 PAR B . -1.28 -0.41 -5.53
HO41 PAR B . 0.19 -0.33 -7.29
H51 PAR B . 1.55 0.60 -5.07
H611 PAR B . 0.26 1.53 -6.97
H612 PAR B . -1.06 1.95 -5.89
HO61 PAR B . 0.43 3.91 -6.27
H12 PAR B . 5.52 1.11 -0.23
H121 PAR B . 6.45 3.28 -0.40
H122 PAR B . 4.99 3.99 -0.15
H221 PAR B . 4.18 2.98 -2.23
H222 PAR B . 5.70 2.08 -2.44
H32 PAR B . 4.51 -0.03 -2.15
H321 PAR B . 3.43 -0.03 -4.23
H322 PAR B . 4.82 0.83 -4.31
H42 PAR B . 2.09 1.85 -2.05
H52 PAR B . 3.14 -0.22 -0.13
H62 PAR B . 2.93 2.64 0.11
HO62 PAR B . 4.26 0.78 1.73
H13 PAR B . 1.99 -0.25 1.90
H23 PAR B . -0.01 1.77 1.92
HO23 PAR B . 1.35 1.07 3.66
H33 PAR B . -1.67 0.30 1.04
H43 PAR B . -0.39 -1.86 2.73
H531 PAR B . -2.59 -2.49 1.73
H532 PAR B . -1.98 -2.05 0.12
HO53 PAR B . -1.81 -4.39 1.03
H14 PAR B . -2.03 2.15 3.04
H24 PAR B . -3.78 2.58 4.61
H241 PAR B . -1.63 2.12 5.43
H242 PAR B . -2.78 1.60 6.51
H34 PAR B . -4.18 -0.45 4.74
HO34 PAR B . -5.89 0.21 6.12
H44 PAR B . -6.03 1.75 3.75
HO44 PAR B . -7.25 -0.05 3.06
H54 PAR B . -5.65 1.15 1.52
H641 PAR B . -3.84 -0.61 0.94
H642 PAR B . -4.23 -1.31 2.52
HN61 PAR B . -5.51 -2.26 0.75
HN62 PAR B . -6.51 -1.45 1.77
HN23 PAR B . -0.60 -3.08 -2.17
H123 PAR B . 5.69 3.10 1.05
H323 PAR B . 3.38 1.61 -4.26
H243 PAR B . -1.97 0.51 5.57
HN63 PAR B . -6.11 -0.79 0.31
C11 PAR B . 0.67 -0.40 -2.74
O11 PAR B . 2.08 -0.47 -2.59
C21 PAR B . 0.10 -1.80 -2.99
N21 PAR B . 0.60 -2.76 -1.99
C31 PAR B . 0.38 -2.32 -4.41
O31 PAR B . -0.38 -3.49 -4.63
C41 PAR B . 0.01 -1.27 -5.47
O41 PAR B . 0.46 -1.71 -6.74
C51 PAR B . 0.66 0.08 -5.12
O51 PAR B . 0.32 0.49 -3.81
C61 PAR B . 0.17 1.12 -6.14
O61 PAR B . 0.71 2.44 -5.85
C12 PAR B . 5.00 1.84 -0.48
N12 PAR B . 5.63 3.03 0.11
C22 PAR B . 4.87 1.99 -2.00
C32 PAR B . 4.17 0.74 -2.57
N32 PAR B . 4.11 0.82 -4.03
C42 PAR B . 2.75 0.65 -1.96
C52 PAR B . 2.81 0.50 -0.48
O52 PAR B . 1.49 0.59 0.01
C62 PAR B . 3.61 1.62 0.14
O62 PAR B . 3.78 1.41 1.53
C13 PAR B . 1.16 -0.21 1.13
C23 PAR B . 0.23 0.60 2.03
O23 PAR B . 0.63 0.45 3.38
C33 PAR B . -1.14 -0.02 1.77
O33 PAR B . -2.02 0.14 2.88
C43 PAR B . -0.78 -1.46 1.46
O43 PAR B . 0.43 -1.36 0.72
C53 PAR B . -1.86 -2.17 0.64
O53 PAR B . -1.45 -3.46 0.24
C14 PAR B . -2.56 1.46 3.04
C24 PAR B . -2.78 1.82 4.51
N24 PAR B . -1.53 1.66 5.28
C34 PAR B . -3.91 0.99 5.11
O34 PAR B . -4.16 1.41 6.44
C44 PAR B . -5.18 1.18 4.26
O44 PAR B . -6.24 0.40 4.79
C54 PAR B . -4.91 0.83 2.78
O54 PAR B . -3.78 1.57 2.30
C64 PAR B . -4.74 -0.68 2.49
N64 PAR B . -6.03 -1.38 2.40
H11 PAR B . 0.19 -0.02 -1.83
H21 PAR B . -0.98 -1.73 -2.86
HN21 PAR B . 0.36 -2.45 -1.06
HN22 PAR B . 1.61 -2.83 -2.07
H31 PAR B . 1.45 -2.54 -4.48
HO31 PAR B . 0.00 -3.93 -5.39
H41 PAR B . -1.07 -1.15 -5.49
HO41 PAR B . 0.03 -2.55 -6.94
H51 PAR B . 1.75 -0.01 -5.20
H611 PAR B . 0.48 0.82 -7.14
H612 PAR B . -0.92 1.17 -6.11
HO61 PAR B . 0.46 3.21 -6.44
H12 PAR B . 5.63 0.97 -0.27
H121 PAR B . 5.73 2.90 1.11
H122 PAR B . 6.55 3.16 -0.29
H221 PAR B . 4.28 2.87 -2.23
H222 PAR B . 5.86 2.08 -2.44
H32 PAR B . 4.75 -0.13 -2.30
H321 PAR B . 3.57 1.63 -4.31
H322 PAR B . 3.65 -0.01 -4.39
H42 PAR B . 2.24 1.58 -2.22
H52 PAR B . 3.32 -0.39 -0.21
H62 PAR B . 3.02 2.48 -0.02
HO62 PAR B . 4.30 0.62 1.66
H13 PAR B . 2.05 -0.52 1.68
H23 PAR B . 0.23 1.66 1.78
HO23 PAR B . 1.53 0.81 3.47
H33 PAR B . -1.58 0.44 0.87
H43 PAR B . -0.60 -2.02 2.39
H531 PAR B . -2.77 -2.25 1.22
H532 PAR B . -2.07 -1.57 -0.26
HO53 PAR B . -1.48 -4.07 0.98
H14 PAR B . -1.86 2.20 2.64
H24 PAR B . -3.06 2.87 4.56
H241 PAR B . -0.81 2.24 4.88
H242 PAR B . -1.69 1.93 6.24
H34 PAR B . -3.64 -0.07 5.11
HO34 PAR B . -3.36 1.29 6.96
H44 PAR B . -5.47 2.23 4.32
HO44 PAR B . -5.98 -0.53 4.75
H54 PAR B . -5.77 1.18 2.20
H641 PAR B . -4.22 -0.79 1.54
H642 PAR B . -4.13 -1.13 3.28
HN61 PAR B . -6.52 -1.30 3.28
HN62 PAR B . -6.59 -0.97 1.66
HN23 PAR B . 0.18 -3.66 -2.15
H123 PAR B . 5.06 3.85 -0.09
H323 PAR B . 5.05 0.88 -4.41
H243 PAR B . -1.23 0.70 5.25
HN63 PAR B . -5.86 -2.36 2.20
C11 PAR B . 0.60 -0.17 -2.68
O11 PAR B . 2.02 -0.22 -2.58
C21 PAR B . 0.06 -1.59 -2.90
N21 PAR B . 0.67 -2.51 -1.92
C31 PAR B . 0.33 -2.08 -4.32
O31 PAR B . -0.43 -3.24 -4.52
C41 PAR B . -0.09 -1.05 -5.38
O41 PAR B . 0.37 -1.50 -6.65
C51 PAR B . 0.53 0.32 -5.05
O51 PAR B . 0.18 0.71 -3.73
C61 PAR B . 0.01 1.35 -6.07
O61 PAR B . 0.30 2.71 -5.67
C12 PAR B . 4.98 2.07 -0.59
N12 PAR B . 5.64 3.25 0.00
C22 PAR B . 4.70 2.31 -2.06
C32 PAR B . 3.98 1.10 -2.67
N32 PAR B . 3.76 1.32 -4.10
C42 PAR B . 2.66 0.86 -1.92
C52 PAR B . 2.93 0.56 -0.49
O52 PAR B . 1.68 0.31 0.14
C62 PAR B . 3.67 1.72 0.15
O62 PAR B . 3.96 1.50 1.51
C13 PAR B . 1.68 -0.47 1.34
C23 PAR B . 0.92 0.31 2.41
O23 PAR B . 1.35 -0.10 3.70
C33 PAR B . -0.52 -0.07 2.10
O33 PAR B . -1.37 0.28 3.20
C43 PAR B . -0.36 -1.55 1.72
O43 PAR B . 0.92 -1.66 1.14
C53 PAR B . -1.42 -2.00 0.71
O53 PAR B . -1.88 -3.32 0.97
C14 PAR B . -2.72 -0.11 3.09
C24 PAR B . -3.65 0.86 3.84
N24 PAR B . -3.39 2.25 3.42
C34 PAR B . -3.56 0.70 5.37
O34 PAR B . -4.52 1.53 5.98
C44 PAR B . -3.80 -0.77 5.72
O44 PAR B . -3.75 -0.97 7.12
C54 PAR B . -2.78 -1.67 4.97
O54 PAR B . -2.91 -1.44 3.56
C64 PAR B . -1.32 -1.52 5.44
N64 PAR B . -1.07 -2.21 6.71
H11 PAR B . 0.17 0.18 -1.74
H21 PAR B . -1.01 -1.58 -2.73
HN21 PAR B . 0.44 -2.20 -0.98
HN22 PAR B . 1.67 -2.51 -2.04
H31 PAR B . 1.39 -2.30 -4.43
HO31 PAR B . -0.10 -3.69 -5.32
H41 PAR B . -1.17 -0.96 -5.40
HO41 PAR B . 1.32 -1.57 -6.62
H51 PAR B . 1.61 0.26 -5.15
H611 PAR B . 0.47 1.16 -7.04
H612 PAR B . -1.07 1.24 -6.18
HO61 PAR B . 0.01 3.47 -6.25
H12 PAR B . 5.68 1.23 -0.51
H121 PAR B . 6.49 3.44 -0.50
H122 PAR B . 5.02 4.04 -0.07
H221 PAR B . 4.07 3.19 -2.18
H222 PAR B . 5.64 2.46 -2.59
H32 PAR B . 4.63 0.23 -2.56
H321 PAR B . 3.16 2.11 -4.23
H322 PAR B . 3.33 0.48 -4.50
H42 PAR B . 2.05 1.76 -2.00
H52 PAR B . 3.58 -0.28 -0.40
H62 PAR B . 2.98 2.51 0.06
HO62 PAR B . 4.56 0.75 1.59
H13 PAR B . 2.69 -0.71 1.67
H23 PAR B . 1.06 1.40 2.30
HO23 PAR B . 2.27 0.11 3.81
H33 PAR B . -0.82 0.48 1.21
H43 PAR B . -0.40 -2.16 2.62
H531 PAR B . -2.28 -1.34 0.75
H532 PAR B . -1.02 -1.95 -0.30
HO53 PAR B . -1.15 -3.94 1.00
H14 PAR B . -3.03 -0.06 2.05
H24 PAR B . -4.68 0.63 3.54
H241 PAR B . -3.50 2.33 2.43
H242 PAR B . -4.03 2.87 3.89
H34 PAR B . -2.56 1.01 5.71
HO34 PAR B . -5.38 1.27 5.67
H44 PAR B . -4.80 -1.04 5.39
HO44 PAR B . -4.39 -0.41 7.54
H54 PAR B . -3.08 -2.70 5.14
H641 PAR B . -0.67 -1.96 4.68
H642 PAR B . -1.08 -0.47 5.54
HN61 PAR B . -1.29 -3.19 6.62
HN62 PAR B . -0.09 -2.10 6.97
HN23 PAR B . 0.31 -3.44 -2.07
H123 PAR B . 5.84 3.07 0.98
H323 PAR B . 4.64 1.47 -4.56
H243 PAR B . -2.44 2.51 3.68
HN63 PAR B . -1.64 -1.81 7.43
C11 PAR B . 0.52 -0.27 -2.71
O11 PAR B . 1.93 -0.53 -2.67
C21 PAR B . -0.26 -1.54 -3.08
N21 PAR B . 0.08 -2.65 -2.16
C31 PAR B . 0.02 -1.91 -4.55
O31 PAR B . -0.82 -2.98 -4.91
C41 PAR B . -0.25 -0.72 -5.48
O41 PAR B . 0.17 -1.03 -6.79
C51 PAR B . 0.48 0.54 -4.99
O51 PAR B . 0.22 0.78 -3.61
C61 PAR B . 0.00 1.74 -5.82
O61 PAR B . 0.59 2.98 -5.36
C12 PAR B . 5.09 1.45 -0.51
N12 PAR B . 5.70 2.62 0.15
C22 PAR B . 4.84 1.74 -2.00
C32 PAR B . 4.11 0.56 -2.64
N32 PAR B . 3.99 0.76 -4.09
C42 PAR B . 2.74 0.43 -1.94
C52 PAR B . 2.97 0.01 -0.53
O52 PAR B . 1.70 -0.19 0.07
C62 PAR B . 3.78 1.07 0.19
O62 PAR B . 4.08 0.68 1.51
C13 PAR B . 1.61 -1.06 1.19
C23 PAR B . 0.80 -0.32 2.25
O23 PAR B . 1.39 -0.50 3.54
C33 PAR B . -0.57 -1.00 2.14
O33 PAR B . -1.36 -0.87 3.32
C43 PAR B . -0.14 -2.43 1.82
O43 PAR B . 0.89 -2.23 0.86
C53 PAR B . -1.26 -3.32 1.25
O53 PAR B . -0.78 -4.63 1.03
C14 PAR B . -1.86 0.44 3.55
C24 PAR B . -2.26 0.66 5.01
N24 PAR B . -1.18 0.22 5.91
C34 PAR B . -3.58 -0.04 5.34
O34 PAR B . -3.97 0.36 6.64
C44 PAR B . -4.67 0.36 4.33
O44 PAR B . -5.90 -0.27 4.61
C54 PAR B . -4.18 0.05 2.89
O54 PAR B . -2.95 0.72 2.66
C64 PAR B . -4.06 -1.44 2.52
N64 PAR B . -5.36 -2.09 2.30
H11 PAR B . 0.15 0.02 -1.71
H21 PAR B . -1.32 -1.35 -2.98
HN21 PAR B . -0.14 -2.38 -1.22
HN22 PAR B . 1.06 -2.86 -2.24
H31 PAR B . 1.07 -2.20 -4.65
HO31 PAR B . -0.48 -3.37 -5.72
H41 PAR B . -1.33 -0.53 -5.49
HO41 PAR B . -0.30 -1.82 -7.08
H51 PAR B . 1.56 0.41 -5.15
H611 PAR B . 0.27 1.57 -6.86
H612 PAR B . -1.08 1.81 -5.74
HO61 PAR B . 0.36 3.84 -5.82
H12 PAR B . 5.79 0.61 -0.43
H121 PAR B . 5.87 2.40 1.12
H122 PAR B . 6.56 2.86 -0.31
H221 PAR B . 4.23 2.64 -2.11
H222 PAR B . 5.80 1.90 -2.50
H32 PAR B . 4.73 -0.32 -2.48
H321 PAR B . 4.92 0.88 -4.49
H322 PAR B . 3.44 1.59 -4.26
H42 PAR B . 2.24 1.40 -1.96
H52 PAR B . 3.56 -0.88 -0.50
H62 PAR B . 3.09 1.89 0.21
HO62 PAR B . 4.53 1.41 1.94
H13 PAR B . 2.60 -1.33 1.57
H23 PAR B . 0.73 0.75 2.05
HO23 PAR B . 2.27 -0.11 3.52
H33 PAR B . -1.10 -0.60 1.28
H43 PAR B . 0.27 -2.91 2.71
H531 PAR B . -2.08 -3.34 1.97
H532 PAR B . -1.63 -2.88 0.33
HO53 PAR B . -1.52 -5.25 1.08
H14 PAR B . -1.08 1.17 3.36
H24 PAR B . -2.40 1.73 5.15
H241 PAR B . -0.33 0.73 5.68
H242 PAR B . -1.43 0.41 6.86
H34 PAR B . -3.45 -1.13 5.33
HO34 PAR B . -4.80 -0.07 6.86
H44 PAR B . -4.82 1.43 4.42
HO44 PAR B . -6.54 0.03 3.97
H54 PAR B . -4.91 0.50 2.20
H641 PAR B . -3.48 -1.52 1.60
H642 PAR B . -3.53 -1.97 3.32
HN61 PAR B . -5.92 -2.05 3.14
HN62 PAR B . -5.85 -1.62 1.55
HN23 PAR B . -0.46 -3.47 -2.43
H123 PAR B . 5.07 3.41 0.10
H323 PAR B . 3.54 -0.05 -4.49
H243 PAR B . -1.02 -0.77 5.79
HN63 PAR B . -5.22 -3.06 2.05
C11 PAR B . 0.36 -0.06 -2.55
O11 PAR B . 1.75 -0.32 -2.41
C21 PAR B . -0.43 -1.33 -2.91
N21 PAR B . -0.25 -2.37 -1.88
C31 PAR B . -0.03 -1.85 -4.29
O31 PAR B . -0.83 -2.96 -4.63
C41 PAR B . -0.25 -0.74 -5.34
O41 PAR B . 0.29 -1.16 -6.58
C51 PAR B . 0.45 0.57 -4.91
O51 PAR B . 0.13 0.93 -3.56
C61 PAR B . -0.01 1.68 -5.86
O61 PAR B . 0.54 2.97 -5.49
C12 PAR B . 4.92 1.78 -0.43
N12 PAR B . 5.57 2.98 0.12
C22 PAR B . 4.68 1.96 -1.93
C32 PAR B . 3.91 0.75 -2.46
N32 PAR B . 3.80 0.81 -3.92
C42 PAR B . 2.53 0.69 -1.77
C52 PAR B . 2.74 0.42 -0.31
O52 PAR B . 1.46 0.39 0.29
C62 PAR B . 3.58 1.52 0.30
O62 PAR B . 3.87 1.27 1.67
C13 PAR B . 1.33 -0.49 1.41
C23 PAR B . 0.41 0.18 2.45
O23 PAR B . 0.91 -0.10 3.76
C33 PAR B . -0.93 -0.52 2.19
O33 PAR B . -1.81 -0.48 3.31
C43 PAR B . -0.46 -1.92 1.81
O43 PAR B . 0.66 -1.68 0.99
C53 PAR B . -1.49 -2.79 1.08
O53 PAR B . -2.33 -3.45 2.00
C14 PAR B . -2.34 0.80 3.62
C24 PAR B . -3.03 0.82 4.99
N24 PAR B . -2.13 0.31 6.04
C34 PAR B . -4.35 0.04 4.94
O34 PAR B . -5.04 0.24 6.17
C44 PAR B . -5.24 0.58 3.80
O44 PAR B . -6.42 -0.17 3.71
C54 PAR B . -4.48 0.59 2.46
O54 PAR B . -3.23 1.25 2.60
C64 PAR B . -4.28 -0.81 1.82
N64 PAR B . -5.49 -1.31 1.15
H11 PAR B . -0.06 0.31 -1.61
H21 PAR B . -1.48 -1.10 -2.93
HN21 PAR B . 0.73 -2.63 -1.82
HN22 PAR B . -0.79 -3.18 -2.12
H31 PAR B . 1.02 -2.14 -4.28
HO31 PAR B . -0.40 -3.44 -5.35
H41 PAR B . -1.32 -0.57 -5.46
HO41 PAR B . 0.15 -0.48 -7.23
H51 PAR B . 1.53 0.44 -5.01
H611 PAR B . 0.32 1.44 -6.88
H612 PAR B . -1.10 1.74 -5.85
HO61 PAR B . 0.32 3.78 -6.03
H12 PAR B . 5.58 0.93 -0.28
H121 PAR B . 5.75 2.84 1.10
H122 PAR B . 6.45 3.14 -0.36
H221 PAR B . 4.09 2.86 -2.11
H222 PAR B . 5.64 2.05 -2.44
H32 PAR B . 4.51 -0.13 -2.23
H321 PAR B . 4.72 0.88 -4.34
H322 PAR B . 3.25 1.63 -4.17
H42 PAR B . 2.05 1.66 -1.91
H52 PAR B . 3.29 -0.47 -0.17
H62 PAR B . 2.95 2.37 0.22
HO62 PAR B . 4.34 2.03 2.01
H13 PAR B . 2.28 -0.74 1.86
H23 PAR B . 0.35 1.24 2.29
HO23 PAR B . 1.77 0.31 3.83
H33 PAR B . -1.40 -0.07 1.31
H43 PAR B . -0.13 -2.45 2.70
H531 PAR B . -2.08 -2.18 0.39
H532 PAR B . -0.95 -3.55 0.52
HO53 PAR B . -2.55 -4.32 1.65
H14 PAR B . -1.51 1.51 3.69
H24 PAR B . -3.25 1.86 5.23
H241 PAR B . -2.59 0.36 6.93
H242 PAR B . -1.90 -0.66 5.83
H34 PAR B . -4.16 -1.01 4.80
HO34 PAR B . -5.85 -0.27 6.14
H44 PAR B . -5.50 1.62 4.03
HO44 PAR B . -6.87 -0.14 4.57
H54 PAR B . -5.06 1.18 1.75
H641 PAR B . -3.48 -0.74 1.09
H642 PAR B . -3.98 -1.52 2.60
HN61 PAR B . -5.29 -2.21 0.75
HN62 PAR B . -6.24 -1.40 1.82
HN23 PAR B . -0.54 -2.01 -0.98
H123 PAR B . 4.98 3.79 -0.01
H323 PAR B . 3.33 -0.02 -4.25
H243 PAR B . -1.29 0.86 6.07
HN63 PAR B . -5.76 -0.67 0.43
C11 PAR B . 0.45 -0.39 -2.61
O11 PAR B . 1.87 -0.42 -2.47
C21 PAR B . -0.09 -1.77 -2.99
N21 PAR B . 0.37 -2.81 -2.05
C31 PAR B . 0.28 -2.13 -4.45
O31 PAR B . -0.41 -3.30 -4.83
C41 PAR B . -0.09 -1.01 -5.43
O41 PAR B . 0.47 -1.29 -6.69
C51 PAR B . 0.45 0.35 -4.91
O51 PAR B . 0.05 0.59 -3.57
C61 PAR B . -0.09 1.45 -5.81
O61 PAR B . 0.11 2.77 -5.24
C12 PAR B . 4.79 1.83 -0.33
N12 PAR B . 5.44 3.00 0.28
C22 PAR B . 4.63 2.05 -1.83
C32 PAR B . 3.89 0.87 -2.47
N32 PAR B . 3.77 1.14 -3.91
C42 PAR B . 2.50 0.69 -1.82
C52 PAR B . 2.66 0.41 -0.35
O52 PAR B . 1.35 0.30 0.19
C62 PAR B . 3.42 1.54 0.31
O62 PAR B . 3.61 1.29 1.69
C13 PAR B . 1.17 -0.53 1.33
C23 PAR B . 0.33 0.29 2.31
O23 PAR B . 0.73 -0.02 3.64
C33 PAR B . -1.09 -0.19 1.99
O33 PAR B . -1.97 0.04 3.08
C43 PAR B . -0.84 -1.66 1.68
O43 PAR B . 0.39 -1.67 0.98
C53 PAR B . -1.97 -2.28 0.85
O53 PAR B . -2.43 -3.49 1.41
C14 PAR B . -2.49 1.36 3.14
C24 PAR B . -2.71 1.81 4.59
N24 PAR B . -1.48 1.65 5.38
C34 PAR B . -3.89 1.06 5.23
O34 PAR B . -4.14 1.54 6.53
C44 PAR B . -5.14 1.28 4.36
O44 PAR B . -6.27 0.62 4.92
C54 PAR B . -4.85 0.76 2.93
O54 PAR B . -3.72 1.44 2.39
C64 PAR B . -4.71 -0.77 2.82
N64 PAR B . -6.00 -1.49 2.86
H11 PAR B . -0.02 -0.15 -1.65
H21 PAR B . -1.17 -1.72 -2.93
HN21 PAR B . 1.37 -2.86 -2.08
HN22 PAR B . -0.04 -3.69 -2.30
H31 PAR B . 1.36 -2.32 -4.50
HO31 PAR B . 0.06 -3.69 -5.57
H41 PAR B . -1.17 -0.95 -5.51
HO41 PAR B . 0.23 -0.59 -7.30
H51 PAR B . 1.54 0.35 -4.98
H611 PAR B . 0.40 1.39 -6.79
H612 PAR B . -1.17 1.30 -5.96
HO61 PAR B . -0.20 3.59 -5.73
H12 PAR B . 5.44 0.96 -0.18
H121 PAR B . 5.57 2.85 1.27
H122 PAR B . 6.34 3.16 -0.16
H221 PAR B . 4.04 2.96 -1.98
H222 PAR B . 5.60 2.16 -2.29
H32 PAR B . 4.47 -0.03 -2.34
H321 PAR B . 3.22 1.98 -4.05
H322 PAR B . 3.30 0.37 -4.35
H42 PAR B . 1.92 1.60 -1.97
H52 PAR B . 3.27 -0.45 -0.19
H62 PAR B . 2.78 2.38 0.18
HO62 PAR B . 4.17 0.52 1.79
H13 PAR B . 2.11 -0.83 1.77
H23 PAR B . 0.41 1.35 2.13
HO23 PAR B . 1.64 0.26 3.75
H33 PAR B . -1.44 0.30 1.08
H43 PAR B . -0.72 -2.21 2.62
H531 PAR B . -2.81 -1.58 0.82
H532 PAR B . -1.62 -2.45 -0.16
HO53 PAR B . -2.01 -4.25 0.97
H14 PAR B . -1.79 2.07 2.70
H24 PAR B . -2.95 2.87 4.58
H241 PAR B . -1.22 0.68 5.40
H242 PAR B . -0.74 2.18 4.95
H34 PAR B . -3.66 0.00 5.28
HO34 PAR B . -4.87 1.04 6.92
H44 PAR B . -5.36 2.34 4.31
HO44 PAR B . -6.40 0.98 5.80
H54 PAR B . -5.69 1.07 2.31
H641 PAR B . -4.22 -1.01 1.87
H642 PAR B . -4.07 -1.14 3.62
HN61 PAR B . -6.59 -1.17 2.10
HN62 PAR B . -5.83 -2.48 2.76
HN23 PAR B . 0.06 -2.56 -1.12
H123 PAR B . 4.85 3.81 0.14
H323 PAR B . 4.69 1.26 -4.31
H243 PAR B . -1.64 1.98 6.32
HN63 PAR B . -6.46 -1.30 3.74
C11 PAR B . 0.81 -0.08 -2.61
O11 PAR B . 2.21 -0.31 -2.49
C21 PAR B . 0.06 -1.39 -2.93
N21 PAR B . 0.30 -2.39 -1.88
C31 PAR B . 0.38 -1.92 -4.32
O31 PAR B . -0.45 -3.02 -4.62
C41 PAR B . 0.14 -0.82 -5.37
O41 PAR B . 0.63 -1.26 -6.62
C51 PAR B . 0.82 0.51 -4.98
O51 PAR B . 0.54 0.88 -3.63
C61 PAR B . 0.32 1.59 -5.94
O61 PAR B . 0.79 2.90 -5.56
C12 PAR B . 5.22 1.98 -0.45
N12 PAR B . 5.76 3.25 0.06
C22 PAR B . 5.05 2.08 -1.97
C32 PAR B . 4.37 0.82 -2.49
N32 PAR B . 4.31 0.87 -3.96
C42 PAR B . 2.96 0.74 -1.85
C52 PAR B . 3.14 0.49 -0.39
O52 PAR B . 1.87 0.37 0.19
C62 PAR B . 3.89 1.67 0.23
O62 PAR B . 4.14 1.50 1.61
C13 PAR B . 1.75 -0.40 1.38
C23 PAR B . 0.78 0.33 2.31
O23 PAR B . 1.26 0.29 3.65
C33 PAR B . -0.51 -0.47 2.13
O33 PAR B . -1.38 -0.24 3.24
C43 PAR B . 0.05 -1.87 1.95
O43 PAR B . 1.16 -1.66 1.09
C53 PAR B . -0.92 -2.88 1.32
O53 PAR B . -0.31 -4.15 1.26
C14 PAR B . -2.76 -0.46 3.00
C24 PAR B . -3.60 0.64 3.67
N24 PAR B . -3.08 1.97 3.32
C34 PAR B . -3.68 0.45 5.19
O34 PAR B . -4.58 1.40 5.72
C44 PAR B . -4.18 -0.97 5.49
O44 PAR B . -4.30 -1.21 6.88
C54 PAR B . -3.24 -2.00 4.84
O54 PAR B . -3.14 -1.77 3.44
C64 PAR B . -1.86 -2.06 5.54
N64 PAR B . -1.03 -3.16 5.01
H11 PAR B . 0.40 0.29 -1.67
H21 PAR B . -0.98 -1.14 -2.90
HN21 PAR B . -0.26 -3.21 -2.08
HN22 PAR B . 0.03 -2.01 -0.98
H31 PAR B . 1.42 -2.24 -4.35
HO31 PAR B . -0.08 -3.48 -5.38
H41 PAR B . -0.93 -0.66 -5.46
HO41 PAR B . 0.18 -2.08 -6.86
H51 PAR B . 1.89 0.41 -5.09
H611 PAR B . 0.65 1.36 -6.95
H612 PAR B . -0.77 1.60 -5.93
HO61 PAR B . 0.53 3.70 -6.10
H12 PAR B . 5.94 1.19 -0.23
H121 PAR B . 5.89 3.18 1.06
H122 PAR B . 6.65 3.45 -0.38
H221 PAR B . 4.44 2.95 -2.21
H222 PAR B . 6.02 2.18 -2.44
H32 PAR B . 4.96 -0.04 -2.21
H321 PAR B . 5.24 0.94 -4.33
H322 PAR B . 3.75 1.66 -4.24
H42 PAR B . 2.45 1.70 -2.00
H52 PAR B . 3.74 -0.36 -0.21
H62 PAR B . 3.21 2.46 0.10
HO62 PAR B . 4.55 2.29 1.96
H13 PAR B . 2.71 -0.54 1.87
H23 PAR B . 0.64 1.37 2.03
HO23 PAR B . 0.61 0.71 4.22
H33 PAR B . -0.96 -0.12 1.19
H43 PAR B . 0.41 -2.25 2.90
H531 PAR B . -1.81 -2.94 1.94
H532 PAR B . -1.20 -2.54 0.31
HO53 PAR B . -1.00 -4.80 1.10
H14 PAR B . -2.96 -0.37 1.93
H24 PAR B . -4.61 0.56 3.26
H241 PAR B . -3.68 2.68 3.74
H242 PAR B . -2.15 2.07 3.68
H34 PAR B . -2.70 0.61 5.65
HO34 PAR B . -4.63 1.30 6.67
H44 PAR B . -5.18 -1.08 5.04
HO44 PAR B . -4.90 -0.57 7.25
H54 PAR B . -3.69 -2.98 4.97
H641 PAR B . -1.34 -1.12 5.41
H642 PAR B . -2.02 -2.22 6.61
HN61 PAR B . -1.51 -4.04 5.16
HN62 PAR B . -0.89 -3.01 4.03
HN23 PAR B . 1.27 -2.64 -1.87
H123 PAR B . 5.11 4.00 -0.14
H323 PAR B . 3.87 0.02 -4.29
H243 PAR B . -3.08 2.09 2.32
HN63 PAR B . -0.15 -3.16 5.49
C11 PAR B . 0.60 0.12 -2.61
O11 PAR B . 2.00 -0.01 -2.42
C21 PAR B . -0.03 -1.25 -2.86
N21 PAR B . 0.40 -2.20 -1.83
C31 PAR B . 0.31 -1.77 -4.26
O31 PAR B . -0.43 -2.94 -4.51
C41 PAR B . -0.01 -0.72 -5.33
O41 PAR B . 0.47 -1.18 -6.58
C51 PAR B . 0.65 0.62 -4.98
O51 PAR B . 0.30 1.03 -3.66
C61 PAR B . 0.19 1.69 -5.98
O61 PAR B . 0.77 2.98 -5.68
C12 PAR B . 4.89 2.46 -0.45
N12 PAR B . 5.39 3.75 0.02
C22 PAR B . 4.72 2.50 -1.96
C32 PAR B . 4.08 1.20 -2.43
N32 PAR B . 4.05 1.15 -3.89
C42 PAR B . 2.66 1.10 -1.80
C52 PAR B . 2.78 0.94 -0.32
O52 PAR B . 1.46 0.96 0.20
C62 PAR B . 3.57 2.10 0.26
O62 PAR B . 3.85 1.93 1.64
C13 PAR B . 1.22 0.27 1.42
C23 PAR B . 0.09 1.02 2.11
O23 PAR B . 0.32 1.01 3.51
C33 PAR B . -1.12 0.19 1.69
O33 PAR B . -2.20 0.53 2.56
C43 PAR B . -0.53 -1.22 1.74
O43 PAR B . 0.74 -1.04 1.13
C53 PAR B . -1.35 -2.29 1.01
O53 PAR B . -0.75 -3.55 1.21
C14 PAR B . -3.48 0.03 2.22
C24 PAR B . -4.55 1.07 2.59
N24 PAR B . -4.27 2.37 1.94
C34 PAR B . -4.65 1.23 4.13
O34 PAR B . -5.71 2.10 4.43
C44 PAR B . -4.91 -0.15 4.76
O44 PAR B . -4.92 -0.02 6.17
C54 PAR B . -3.85 -1.18 4.31
O54 PAR B . -3.74 -1.21 2.88
C64 PAR B . -2.47 -0.97 4.96
N64 PAR B . -2.34 -1.66 6.25
H11 PAR B . 0.14 0.50 -1.69
H21 PAR B . -1.11 -1.13 -2.77
HN21 PAR B . -0.03 -3.10 -1.99
HN22 PAR B . 0.13 -1.87 -0.91
H31 PAR B . 1.38 -2.01 -4.29
HO31 PAR B . -0.02 -3.40 -5.25
H41 PAR B . -1.09 -0.58 -5.39
HO41 PAR B . 0.25 -0.51 -7.25
H51 PAR B . 1.74 0.51 -5.05
H611 PAR B . 0.49 1.38 -6.98
H612 PAR B . -0.90 1.75 -5.96
HO61 PAR B . 0.55 3.77 -6.26
H12 PAR B . 5.64 1.70 -0.21
H121 PAR B . 5.56 3.71 1.01
H122 PAR B . 6.25 3.99 -0.45
H221 PAR B . 4.08 3.33 -2.23
H222 PAR B . 5.70 2.63 -2.45
H32 PAR B . 4.71 0.37 -2.11
H321 PAR B . 3.64 0.28 -4.19
H322 PAR B . 4.99 1.23 -4.28
H42 PAR B . 2.15 2.04 -2.05
H52 PAR B . 3.34 0.06 -0.08
H62 PAR B . 2.89 2.91 0.13
HO62 PAR B . 4.43 1.18 1.71
H13 PAR B . 2.11 0.22 2.04
H23 PAR B . 0.00 2.05 1.76
HO23 PAR B . 1.12 1.49 3.70
H33 PAR B . -1.37 0.43 0.67
H43 PAR B . -0.40 -1.53 2.78
H531 PAR B . -2.36 -2.31 1.42
H532 PAR B . -1.39 -2.05 -0.05
HO53 PAR B . -1.41 -4.24 1.12
H14 PAR B . -3.55 -0.12 1.14
H24 PAR B . -5.51 0.72 2.22
H241 PAR B . -4.24 2.25 0.95
H242 PAR B . -5.00 3.04 2.19
H34 PAR B . -3.73 1.65 4.52
HO34 PAR B . -6.53 1.72 4.09
H44 PAR B . -5.89 -0.50 4.44
HO44 PAR B . -5.12 -0.89 6.55
H54 PAR B . -4.20 -2.16 4.60
H641 PAR B . -1.71 -1.34 4.28
H642 PAR B . -2.29 0.10 5.09
HN61 PAR B . -1.41 -1.50 6.63
HN62 PAR B . -3.03 -1.30 6.89
HN23 PAR B . 1.41 -2.31 -1.85
H123 PAR B . 4.71 4.47 -0.17
H323 PAR B . 3.48 1.90 -4.24
H243 PAR B . -3.37 2.72 2.27
HN63 PAR B . -2.48 -2.64 6.12
C11 PAR B . 0.77 -0.18 -2.55
O11 PAR B . 2.18 -0.43 -2.46
C21 PAR B . 0.00 -1.47 -2.88
N21 PAR B . 0.27 -2.52 -1.90
C31 PAR B . 0.27 -1.93 -4.31
O31 PAR B . -0.57 -3.03 -4.63
C41 PAR B . 0.01 -0.79 -5.31
O41 PAR B . 0.44 -1.20 -6.60
C51 PAR B . 0.77 0.47 -4.88
O51 PAR B . 0.50 0.82 -3.53
C61 PAR B . 0.35 1.63 -5.80
O61 PAR B . 1.03 2.85 -5.42
C12 PAR B . 5.28 1.60 -0.33
N12 PAR B . 5.87 2.77 0.34
C22 PAR B . 5.00 1.93 -1.79
C32 PAR B . 4.30 0.74 -2.45
N32 PAR B . 4.15 0.97 -3.88
C42 PAR B . 2.94 0.54 -1.74
C52 PAR B . 3.16 0.11 -0.32
O52 PAR B . 1.88 -0.01 0.28
C62 PAR B . 4.00 1.15 0.40
O62 PAR B . 4.38 0.69 1.68
C13 PAR B . 1.72 -0.87 1.39
C23 PAR B . 0.86 -0.16 2.44
O23 PAR B . 1.36 -0.40 3.73
C33 PAR B . -0.52 -0.81 2.22
O33 PAR B . -1.39 -0.71 3.34
C43 PAR B . -0.09 -2.24 1.89
O43 PAR B . 1.01 -2.04 1.01
C53 PAR B . -1.18 -3.13 1.26
O53 PAR B . -0.73 -4.47 1.17
C14 PAR B . -1.91 0.59 3.60
C24 PAR B . -2.61 0.65 4.97
N24 PAR B . -1.70 0.24 6.05
C34 PAR B . -3.90 -0.17 4.95
O34 PAR B . -4.57 -0.03 6.19
C44 PAR B . -4.80 0.34 3.82
O44 PAR B . -6.00 -0.40 3.76
C54 PAR B . -4.05 0.31 2.46
O54 PAR B . -2.80 1.00 2.57
C64 PAR B . -3.85 -1.08 1.85
N64 PAR B . -5.07 -1.62 1.23
H11 PAR B . 0.39 0.17 -1.59
H21 PAR B . -1.05 -1.22 -2.80
HN21 PAR B . 0.03 -2.20 -0.97
HN22 PAR B . 1.25 -2.77 -1.94
H31 PAR B . 1.31 -2.24 -4.38
HO31 PAR B . -0.18 -3.49 -5.38
H41 PAR B . -1.05 -0.58 -5.34
HO41 PAR B . -0.06 -1.99 -6.85
H51 PAR B . 1.84 0.31 -4.99
H611 PAR B . 0.61 1.38 -6.83
H612 PAR B . -0.72 1.78 -5.72
HO61 PAR B . 0.86 3.69 -5.93
H12 PAR B . 6.01 0.79 -0.30
H121 PAR B . 6.08 2.54 1.30
H122 PAR B . 6.72 3.05 -0.12
H221 PAR B . 4.36 2.81 -1.85
H222 PAR B . 5.94 2.13 -2.31
H32 PAR B . 4.94 -0.14 -2.32
H321 PAR B . 3.59 1.78 -4.04
H322 PAR B . 3.72 0.16 -4.31
H42 PAR B . 2.41 1.51 -1.76
H52 PAR B . 3.74 -0.77 -0.28
H62 PAR B . 3.34 1.97 0.49
HO62 PAR B . 4.84 1.41 2.12
H13 PAR B . 2.68 -1.15 1.82
H23 PAR B . 0.81 0.92 2.27
HO23 PAR B . 2.24 -0.02 3.80
H33 PAR B . -0.98 -0.38 1.33
H43 PAR B . 0.26 -2.72 2.80
H531 PAR B . -2.05 -3.11 1.91
H532 PAR B . -1.44 -2.75 0.28
HO53 PAR B . -1.47 -5.08 1.08
H14 PAR B . -1.07 1.30 3.64
H24 PAR B . -2.87 1.70 5.15
H241 PAR B . -0.88 0.82 6.05
H242 PAR B . -2.18 0.32 6.94
H34 PAR B . -3.67 -1.22 4.80
HO34 PAR B . -5.38 -0.54 6.16
H44 PAR B . -5.06 1.39 4.03
HO44 PAR B . -6.45 -0.32 4.61
H54 PAR B . -4.65 0.89 1.76
H641 PAR B . -3.09 -1.01 1.08
H642 PAR B . -3.50 -1.77 2.63
HN61 PAR B . -5.39 -1.00 0.51
HN62 PAR B . -4.87 -2.53 0.83
HN23 PAR B . -0.28 -3.34 -2.12
H123 PAR B . 5.21 3.54 0.33
H323 PAR B . 5.07 1.11 -4.29
H243 PAR B . -1.43 -0.73 5.91
HN63 PAR B . -5.79 -1.72 1.94
C11 PAR B . 0.09 0.04 -3.15
O11 PAR B . 1.52 -0.04 -3.03
C21 PAR B . -0.49 -1.29 -3.65
N21 PAR B . -0.03 -2.42 -2.83
C31 PAR B . -0.19 -1.55 -5.13
O31 PAR B . -0.98 -2.64 -5.59
C41 PAR B . -0.51 -0.31 -5.99
O41 PAR B . -0.01 -0.51 -7.30
C51 PAR B . 0.12 0.95 -5.38
O51 PAR B . -0.26 1.11 -4.02
C61 PAR B . -0.36 2.15 -6.21
O61 PAR B . 0.05 3.41 -5.61
C12 PAR B . 4.42 1.92 -0.27
N12 PAR B . 4.85 3.23 0.25
C22 PAR B . 4.25 1.90 -1.79
C32 PAR B . 3.69 0.55 -2.24
N32 PAR B . 3.93 0.46 -3.69
C42 PAR B . 2.18 0.42 -1.82
C52 PAR B . 1.89 -0.69 -0.85
O52 PAR B . 0.73 -0.31 -0.13
C62 PAR B . 3.08 1.46 0.28
O62 PAR B . 3.20 1.18 1.66
C13 PAR B . 0.35 -1.20 0.91
C23 PAR B . -0.78 -0.52 1.69
O23 PAR B . -0.74 -0.94 3.05
C33 PAR B . -2.01 -1.02 0.95
O33 PAR B . -3.19 -0.88 1.73
C43 PAR B . -1.60 -2.47 0.65
O43 PAR B . -0.20 -2.39 0.36
C53 PAR B . -2.37 -3.04 -0.54
O53 PAR B . -1.97 -4.37 -0.83
C14 PAR B . -3.81 0.40 1.62
C24 PAR B . -4.60 0.78 2.88
N24 PAR B . -3.76 0.66 4.08
C34 PAR B . -5.90 -0.04 2.99
O34 PAR B . -6.64 0.42 4.10
C44 PAR B . -6.70 0.15 1.69
O44 PAR B . -7.93 -0.53 1.74
C54 PAR B . -5.85 -0.30 0.49
O54 PAR B . -4.64 0.45 0.47
C64 PAR B . -5.55 -1.81 0.40
N64 PAR B . -6.73 -2.65 0.19
H11 PAR B . -0.36 0.24 -2.17
H21 PAR B . -1.57 -1.23 -3.54
HN21 PAR B . 0.97 -2.51 -2.90
HN22 PAR B . -0.47 -3.27 -3.16
H31 PAR B . 0.86 -1.81 -5.27
HO31 PAR B . -0.45 -3.16 -6.19
H41 PAR B . -1.58 -0.18 -6.04
HO41 PAR B . -0.43 -1.29 -7.67
H51 PAR B . 1.22 0.90 -5.45
H611 PAR B . 0.05 2.09 -7.22
H612 PAR B . -1.45 2.13 -6.26
HO61 PAR B . -0.20 4.28 -6.04
H12 PAR B . 5.18 1.19 0.00
H121 PAR B . 4.91 3.19 1.26
H122 PAR B . 5.74 3.49 -0.15
H221 PAR B . 3.59 2.70 -2.10
H222 PAR B . 5.22 2.06 -2.25
H32 PAR B . 4.27 -0.24 -1.79
H321 PAR B . 3.45 1.19 -4.17
H322 PAR B . 3.61 -0.45 -4.01
H42 PAR B . 1.68 1.36 -1.65
H52 PAR B . 2.72 -0.72 -0.15
H62 PAR B . 2.25 2.12 0.14
HO62 PAR B . 3.90 0.53 1.79
H13 PAR B . 1.19 -1.40 1.56
H23 PAR B . -0.70 0.57 1.64
HO23 PAR B . 0.08 -0.63 3.43
H33 PAR B . -2.11 -0.50 0.00
H43 PAR B . -1.76 -3.09 1.53
H531 PAR B . -3.44 -3.05 -0.30
H532 PAR B . -2.21 -2.41 -1.42
HO53 PAR B . -2.18 -4.93 -0.07
H14 PAR B . -3.02 1.16 1.52
H24 PAR B . -4.88 1.83 2.79
H241 PAR B . -4.29 0.93 4.89
H242 PAR B . -3.46 -0.30 4.19
H34 PAR B . -5.66 -1.09 3.12
HO34 PAR B . -6.85 1.34 3.98
H44 PAR B . -6.92 1.22 1.58
HO44 PAR B . -8.40 -0.37 0.92
H54 PAR B . -6.40 -0.04 -0.41
H641 PAR B . -4.87 -1.97 -0.43
H642 PAR B . -5.06 -2.13 1.32
HN61 PAR B . -7.19 -2.36 -0.67
HN62 PAR B . -6.45 -3.61 0.11
HN23 PAR B . -0.29 -2.26 -1.87
H123 PAR B . 4.17 3.93 -0.01
H323 PAR B . 4.93 0.54 -3.87
H243 PAR B . -2.94 1.25 3.98
HN63 PAR B . -7.37 -2.54 0.96
C11 PAR B . 0.37 -0.10 -2.74
O11 PAR B . 1.78 -0.32 -2.62
C21 PAR B . -0.35 -1.40 -3.05
N21 PAR B . 0.02 -2.46 -2.09
C31 PAR B . -0.06 -1.86 -4.49
O31 PAR B . -0.88 -2.98 -4.78
C41 PAR B . -0.37 -0.74 -5.49
O41 PAR B . 0.06 -1.13 -6.78
C51 PAR B . 0.36 0.56 -5.08
O51 PAR B . 0.09 0.90 -3.72
C61 PAR B . -0.14 1.69 -5.98
O61 PAR B . 0.53 2.95 -5.67
C12 PAR B . 4.83 1.98 -0.64
N12 PAR B . 5.40 3.25 -0.19
C22 PAR B . 4.67 2.01 -2.17
C32 PAR B . 3.96 0.74 -2.64
N32 PAR B . 3.92 0.66 -4.10
C42 PAR B . 2.55 0.72 -2.01
C52 PAR B . 2.70 0.55 -0.53
O52 PAR B . 1.41 0.52 0.05
C62 PAR B . 3.48 1.72 0.04
O62 PAR B . 3.69 1.57 1.44
C13 PAR B . 1.25 -0.31 1.19
C23 PAR B . 0.49 0.48 2.26
O23 PAR B . 0.96 0.11 3.54
C33 PAR B . -0.95 0.05 2.01
O33 PAR B . -1.72 0.32 3.17
C43 PAR B . -0.78 -1.41 1.57
O43 PAR B . 0.44 -1.42 0.84
C53 PAR B . -1.94 -1.89 0.70
O53 PAR B . -1.81 -3.24 0.30
C14 PAR B . -3.12 0.23 3.05
C24 PAR B . -3.77 1.42 3.79
N24 PAR B . -3.15 2.69 3.36
C34 PAR B . -3.68 1.26 5.31
O34 PAR B . -4.40 2.31 5.93
C44 PAR B . -4.26 -0.11 5.72
O44 PAR B . -4.16 -0.29 7.12
C54 PAR B . -3.53 -1.23 4.96
O54 PAR B . -3.61 -1.01 3.55
C64 PAR B . -2.07 -1.42 5.38
N64 PAR B . -1.92 -2.34 6.52
H11 PAR B . -0.04 0.24 -1.78
H21 PAR B . -1.42 -1.23 -2.97
HN21 PAR B . -0.21 -2.15 -1.16
HN22 PAR B . 1.01 -2.64 -2.15
H31 PAR B . 1.00 -2.14 -4.57
HO31 PAR B . -0.54 -3.40 -5.57
H41 PAR B . -1.45 -0.55 -5.50
HO41 PAR B . -0.16 -0.42 -7.40
H51 PAR B . 1.43 0.43 -5.22
H611 PAR B . 0.05 1.44 -7.02
H612 PAR B . -1.22 1.82 -5.84
HO61 PAR B . 0.29 3.78 -6.18
H12 PAR B . 5.52 1.18 -0.39
H121 PAR B . 5.51 3.23 0.82
H122 PAR B . 6.31 3.40 -0.61
H221 PAR B . 4.09 2.88 -2.46
H222 PAR B . 5.66 2.07 -2.64
H32 PAR B . 4.56 -0.09 -2.29
H321 PAR B . 3.49 -0.21 -4.37
H322 PAR B . 4.86 0.72 -4.47
H42 PAR B . 2.08 1.69 -2.22
H52 PAR B . 3.26 -0.31 -0.30
H62 PAR B . 2.83 2.54 -0.12
HO62 PAR B . 4.14 2.37 1.75
H13 PAR B . 2.21 -0.66 1.59
H23 PAR B . 0.58 1.56 2.13
HO23 PAR B . 1.88 0.34 3.62
H33 PAR B . -1.32 0.63 1.16
H43 PAR B . -0.69 -2.04 2.46
H531 PAR B . -2.87 -1.80 1.27
H532 PAR B . -2.00 -1.24 -0.17
HO53 PAR B . -1.81 -3.81 1.07
H14 PAR B . -3.42 0.32 2.00
H24 PAR B . -4.83 1.45 3.51
H241 PAR B . -3.61 3.46 3.83
H242 PAR B . -2.17 2.68 3.60
H34 PAR B . -2.64 1.33 5.62
HO34 PAR B . -5.32 2.25 5.65
H44 PAR B . -5.31 -0.13 5.45
HO44 PAR B . -4.53 -1.15 7.34
H54 PAR B . -4.06 -2.17 5.15
H641 PAR B . -1.52 -1.81 4.53
H642 PAR B . -1.64 -0.45 5.65
HN61 PAR B . -2.29 -3.25 6.28
HN62 PAR B . -0.95 -2.44 6.75
HN23 PAR B . -0.49 -3.30 -2.29
H123 PAR B . 4.78 4.01 -0.42
H323 PAR B . 3.37 1.42 -4.47
H243 PAR B . -3.25 2.79 2.36
HN63 PAR B . -2.42 -1.97 7.32
C11 PAR B . 0.60 0.06 -2.37
O11 PAR B . 2.02 -0.04 -2.23
C21 PAR B . 0.01 -1.29 -2.83
N21 PAR B . 0.50 -2.35 -1.94
C31 PAR B . 0.34 -1.58 -4.30
O31 PAR B . -0.37 -2.72 -4.73
C41 PAR B . -0.05 -0.38 -5.20
O41 PAR B . 0.41 -0.64 -6.51
C51 PAR B . 0.59 0.91 -4.65
O51 PAR B . 0.26 1.10 -3.27
C61 PAR B . 0.12 2.19 -5.35
O61 PAR B . 0.69 2.33 -6.68
C12 PAR B . 4.98 2.12 -0.03
N12 PAR B . 5.58 3.29 0.63
C22 PAR B . 4.73 2.42 -1.51
C32 PAR B . 4.02 1.25 -2.18
N32 PAR B . 3.85 1.55 -3.60
C42 PAR B . 2.67 0.99 -1.49
C52 PAR B . 2.91 0.58 -0.07
O52 PAR B . 1.63 0.35 0.51
C62 PAR B . 3.67 1.68 0.66
O62 PAR B . 3.97 1.33 1.99
C13 PAR B . 1.50 -0.49 1.64
C23 PAR B . 0.49 0.13 2.61
O23 PAR B . 1.04 0.12 3.92
C33 PAR B . -0.74 -0.80 2.50
O33 PAR B . -1.55 -0.87 3.67
C43 PAR B . -0.03 -2.13 2.23
O43 PAR B . 0.96 -1.75 1.26
C53 PAR B . -0.99 -3.23 1.80
O53 PAR B . -0.53 -4.48 2.28
C14 PAR B . -2.32 0.28 3.97
C24 PAR B . -2.81 0.19 5.43
N24 PAR B . -1.66 -0.07 6.33
C34 PAR B . -3.89 -0.88 5.58
O34 PAR B . -4.38 -0.88 6.92
C44 PAR B . -5.03 -0.57 4.61
O44 PAR B . -6.06 -1.53 4.72
C54 PAR B . -4.50 -0.48 3.16
O54 PAR B . -3.40 0.44 3.08
C64 PAR B . -4.09 -1.83 2.53
N64 PAR B . -5.22 -2.66 2.13
H11 PAR B . 0.15 0.29 -1.39
H21 PAR B . -1.08 -1.24 -2.71
HN21 PAR B . 0.13 -3.24 -2.23
HN22 PAR B . 0.23 -2.16 -0.99
H31 PAR B . 1.41 -1.75 -4.39
HO31 PAR B . 0.13 -3.10 -5.47
H41 PAR B . -1.14 -0.26 -5.21
HO41 PAR B . 0.00 -1.45 -6.83
H51 PAR B . 1.68 0.84 -4.75
H611 PAR B . -0.97 2.19 -5.40
H612 PAR B . 0.45 3.04 -4.76
HO61 PAR B . 0.46 3.14 -7.23
H12 PAR B . 5.70 1.29 0.02
H121 PAR B . 6.45 3.54 0.17
H122 PAR B . 4.94 4.06 0.58
H221 PAR B . 4.10 3.31 -1.57
H222 PAR B . 5.68 2.62 -2.01
H32 PAR B . 4.65 0.37 -2.11
H321 PAR B . 3.40 0.76 -4.06
H322 PAR B . 4.74 1.73 -4.04
H42 PAR B . 2.08 1.91 -1.52
H52 PAR B . 3.56 -0.24 -0.02
H62 PAR B . 2.99 2.49 0.66
HO62 PAR B . 4.56 0.58 2.00
H13 PAR B . 2.46 -0.67 2.13
H23 PAR B . 0.23 1.15 2.33
HO23 PAR B . 1.81 0.67 3.92
H33 PAR B . -1.33 -0.53 1.63
H43 PAR B . 0.45 -2.43 3.15
H531 PAR B . -1.97 -3.05 2.21
H532 PAR B . -1.07 -3.25 0.71
HO53 PAR B . -1.13 -5.19 1.99
H14 PAR B . -1.66 1.16 3.91
H24 PAR B . -3.23 1.16 5.71
H241 PAR B . -0.98 0.65 6.23
H242 PAR B . -1.98 -0.10 7.29
H34 PAR B . -3.47 -1.87 5.36
HO34 PAR B . -4.74 -0.01 7.11
H44 PAR B . -5.46 0.40 4.87
HO44 PAR B . -6.36 -1.56 5.63
H54 PAR B . -5.29 -0.08 2.53
H641 PAR B . -3.49 -1.63 1.64
H642 PAR B . -3.47 -2.38 3.24
HN61 PAR B . -4.90 -3.52 1.72
HN62 PAR B . -5.80 -2.86 2.94
HN23 PAR B . 1.51 -2.41 -2.00
H123 PAR B . 5.76 3.07 1.60
H323 PAR B . 3.25 2.36 -3.71
H243 PAR B . -1.25 -0.96 6.10
HN63 PAR B . -5.79 -2.16 1.45
C11 PAR B . 0.44 0.04 -2.72
O11 PAR B . 1.86 -0.09 -2.57
C21 PAR B . -0.23 -1.31 -3.04
N21 PAR B . 0.06 -2.33 -2.02
C31 PAR B . 0.13 -1.82 -4.43
O31 PAR B . -0.70 -2.92 -4.74
C41 PAR B . -0.10 -0.74 -5.50
O41 PAR B . 0.46 -1.17 -6.73
C51 PAR B . 0.54 0.59 -5.08
O51 PAR B . 0.16 0.97 -3.75
C61 PAR B . 0.05 1.66 -6.07
O61 PAR B . 0.54 2.97 -5.69
C12 PAR B . 4.71 2.63 -0.51
N12 PAR B . 5.35 3.94 -0.35
C22 PAR B . 4.69 2.14 -1.94
C32 PAR B . 4.03 0.78 -2.04
N32 PAR B . 4.26 0.31 -3.41
C42 PAR B . 2.51 0.80 -1.64
C52 PAR B . 2.15 0.28 -0.29
O52 PAR B . 2.05 -1.09 -0.30
C62 PAR B . 3.26 2.67 -0.12
O62 PAR B . 3.08 3.08 1.21
C13 PAR B . 1.88 -1.68 1.00
C23 PAR B . 1.11 -0.88 2.07
O23 PAR B . 1.65 -1.19 3.34
C33 PAR B . -0.33 -1.37 1.91
O33 PAR B . -1.12 -1.21 3.10
C43 PAR B . -0.08 -2.84 1.56
O43 PAR B . 1.15 -2.90 0.84
C53 PAR B . -1.24 -3.44 0.74
O53 PAR B . -2.25 -3.97 1.58
C14 PAR B . -1.26 0.12 3.59
C24 PAR B . -1.81 0.11 5.02
N24 PAR B . -1.02 -0.80 5.87
C34 PAR B . -3.30 -0.25 5.05
O34 PAR B . -3.77 -0.09 6.37
C44 PAR B . -4.06 0.70 4.11
O44 PAR B . -5.45 0.38 4.09
C54 PAR B . -3.46 0.64 2.69
O54 PAR B . -2.06 0.90 2.72
C64 PAR B . -3.74 -0.66 1.91
N64 PAR B . -5.06 -0.65 1.29
H11 PAR B . 0.01 0.39 -1.79
H21 PAR B . -1.31 -1.16 -3.03
HN21 PAR B . -0.43 -3.18 -2.23
HN22 PAR B . -0.23 -1.99 -1.11
H31 PAR B . 1.18 -2.14 -4.44
HO31 PAR B . -0.36 -3.35 -5.53
H41 PAR B . -1.17 -0.59 -5.61
HO41 PAR B . 1.40 -1.29 -6.61
H51 PAR B . 1.64 0.52 -5.13
H611 PAR B . 0.41 1.42 -7.06
H612 PAR B . -1.03 1.68 -6.06
HO61 PAR B . 0.30 3.77 -6.25
H12 PAR B . 5.25 1.90 0.12
H121 PAR B . 4.87 4.61 -0.94
H122 PAR B . 5.30 4.23 0.61
H221 PAR B . 4.13 2.86 -2.54
H222 PAR B . 5.71 2.10 -2.32
H32 PAR B . 4.58 0.12 -1.39
H321 PAR B . 3.80 0.93 -4.07
H322 PAR B . 3.91 -0.63 -3.51
H42 PAR B . 2.02 1.73 -1.91
H52 PAR B . 2.91 0.58 0.41
H62 PAR B . 2.61 3.23 -0.72
HO62 PAR B . 3.65 2.56 1.79
H13 PAR B . 2.90 -1.90 1.36
H23 PAR B . 1.13 0.20 1.92
HO23 PAR B . 2.56 -0.87 3.37
H33 PAR B . -0.79 -0.86 1.07
H43 PAR B . 0.05 -3.42 2.48
H531 PAR B . -1.67 -2.67 0.10
H532 PAR B . -0.86 -4.24 0.11
HO53 PAR B . -1.98 -4.85 1.89
H14 PAR B . -0.27 0.59 3.67
H24 PAR B . -1.70 1.12 5.43
H241 PAR B . -1.10 -1.75 5.52
H242 PAR B . -0.05 -0.51 5.86
H34 PAR B . -3.45 -1.29 4.74
HO34 PAR B . -3.27 -0.66 6.95
H44 PAR B . -3.97 1.72 4.47
HO44 PAR B . -5.78 0.43 4.98
H54 PAR B . -3.90 1.46 2.11
H641 PAR B . -3.00 -0.77 1.12
H642 PAR B . -3.66 -1.51 2.59
HN61 PAR B . -5.77 -0.56 2.00
HN62 PAR B . -5.13 0.14 0.65
HN23 PAR B . 1.05 -2.51 -2.00
H123 PAR B . 6.32 3.88 -0.64
H323 PAR B . 5.26 0.31 -3.61
H243 PAR B . -1.37 -0.76 6.83
HN63 PAR B . -5.21 -1.50 0.77
C11 PAR B . 0.54 -0.22 -2.44
O11 PAR B . 1.95 -0.30 -2.29
C21 PAR B . -0.06 -1.59 -2.80
N21 PAR B . 0.44 -2.63 -1.88
C31 PAR B . 0.22 -1.99 -4.25
O31 PAR B . -0.61 -3.10 -4.57
C41 PAR B . -0.10 -0.85 -5.23
O41 PAR B . 0.40 -1.21 -6.50
C51 PAR B . 0.55 0.47 -4.77
O51 PAR B . 0.19 0.76 -3.42
C61 PAR B . 0.07 1.59 -5.71
O61 PAR B . 0.57 2.89 -5.30
C12 PAR B . 4.78 2.27 -0.32
N12 PAR B . 5.23 3.57 0.20
C22 PAR B . 4.56 2.36 -1.83
C32 PAR B . 3.99 1.02 -2.33
N32 PAR B . 3.92 0.99 -3.79
C42 PAR B . 2.60 0.83 -1.67
C52 PAR B . 2.79 0.63 -0.21
O52 PAR B . 1.52 0.47 0.38
C62 PAR B . 3.48 1.84 0.39
O62 PAR B . 3.76 1.64 1.76
C13 PAR B . 1.44 -0.46 1.47
C23 PAR B . 0.50 0.10 2.54
O23 PAR B . 0.95 -0.28 3.82
C33 PAR B . -0.84 -0.54 2.17
O33 PAR B . -1.76 -0.61 3.25
C43 PAR B . -0.36 -1.92 1.69
O43 PAR B . 0.86 -1.67 1.01
C53 PAR B . -1.35 -2.63 0.74
O53 PAR B . -2.40 -3.26 1.44
C14 PAR B . -2.24 0.65 3.71
C24 PAR B . -2.97 0.51 5.06
N24 PAR B . -2.12 -0.19 6.05
C34 PAR B . -4.33 -0.19 4.89
O34 PAR B . -5.01 -0.17 6.14
C44 PAR B . -5.15 0.59 3.85
O44 PAR B . -6.42 0.00 3.67
C54 PAR B . -4.37 0.68 2.51
O54 PAR B . -3.08 1.26 2.74
C64 PAR B . -4.26 -0.65 1.76
N64 PAR B . -5.50 -1.04 1.07
H11 PAR B . 0.08 0.08 -1.49
H21 PAR B . -1.15 -1.53 -2.66
HN21 PAR B . 1.44 -2.72 -1.99
HN22 PAR B . 0.00 -3.52 -2.11
H31 PAR B . 1.27 -2.26 -4.35
HO31 PAR B . -0.31 -3.47 -5.40
H41 PAR B . -1.17 -0.71 -5.29
HO41 PAR B . 0.20 -0.50 -7.11
H51 PAR B . 1.63 0.38 -4.85
H611 PAR B . 0.44 1.38 -6.72
H612 PAR B . -1.01 1.62 -5.72
HO61 PAR B . 0.32 3.71 -5.83
H12 PAR B . 5.54 1.53 -0.12
H121 PAR B . 4.53 4.28 0.02
H122 PAR B . 5.40 3.51 1.20
H221 PAR B . 3.87 3.16 -2.06
H222 PAR B . 5.51 2.54 -2.32
H32 PAR B . 4.67 0.24 -2.02
H321 PAR B . 3.31 1.73 -4.11
H322 PAR B . 3.57 0.10 -4.09
H42 PAR B . 2.00 1.73 -1.85
H52 PAR B . 3.44 -0.19 -0.01
H62 PAR B . 2.74 2.59 0.31
HO62 PAR B . 4.40 0.93 1.84
H13 PAR B . 2.42 -0.65 1.91
H23 PAR B . 0.45 1.19 2.48
HO23 PAR B . 1.83 0.11 3.97
H33 PAR B . -1.27 -0.01 1.32
H43 PAR B . -0.15 -2.56 2.55
H531 PAR B . -1.75 -1.90 0.04
H532 PAR B . -0.81 -3.39 0.18
HO53 PAR B . -2.16 -4.18 1.59
H14 PAR B . -1.39 1.31 3.89
H24 PAR B . -3.14 1.51 5.43
H241 PAR B . -1.25 0.31 6.15
H242 PAR B . -2.59 -0.23 6.94
H34 PAR B . -4.19 -1.22 4.58
HO34 PAR B . -5.87 -0.60 6.02
H44 PAR B . -5.30 1.60 4.23
HO44 PAR B . -6.91 0.54 3.05
H54 PAR B . -4.91 1.37 1.87
H641 PAR B . -3.47 -0.55 1.00
H642 PAR B . -3.96 -1.44 2.45
HN61 PAR B . -6.23 -1.16 1.75
HN62 PAR B . -5.76 -0.33 0.41
HN23 PAR B . 0.22 -2.38 -0.94
H123 PAR B . 6.09 3.84 -0.26
H323 PAR B . 4.84 1.16 -4.17
H243 PAR B . -1.92 -1.12 5.72
HN63 PAR B . -5.35 -1.91 0.58
C11 PAR B . 0.43 -0.23 -2.73
O11 PAR B . 1.84 -0.39 -2.60
C21 PAR B . -0.23 -1.53 -3.20
N21 PAR B . 0.14 -2.64 -2.30
C31 PAR B . 0.10 -1.86 -4.65
O31 PAR B . -0.68 -2.97 -5.07
C41 PAR B . -0.17 -0.66 -5.56
O41 PAR B . 0.36 -0.93 -6.85
C51 PAR B . 0.47 0.62 -5.00
O51 PAR B . 0.11 0.84 -3.63
C61 PAR B . -0.03 1.81 -5.84
O61 PAR B . 0.30 3.09 -5.24
C12 PAR B . 4.87 1.62 -0.32
N12 PAR B . 5.52 2.77 0.33
C22 PAR B . 4.72 1.88 -1.81
C32 PAR B . 3.99 0.71 -2.47
N32 PAR B . 3.95 0.90 -3.92
C42 PAR B . 2.56 0.61 -1.87
C52 PAR B . 2.69 0.27 -0.43
O52 PAR B . 1.39 0.20 0.12
C62 PAR B . 3.50 1.33 0.29
O62 PAR B . 3.68 1.02 1.66
C13 PAR B . 1.18 -0.73 1.18
C23 PAR B . 0.26 -0.05 2.19
O23 PAR B . 0.62 -0.43 3.51
C33 PAR B . -1.11 -0.57 1.77
O33 PAR B . -2.07 -0.48 2.82
C43 PAR B . -0.75 -2.00 1.36
O43 PAR B . 0.51 -1.87 0.70
C53 PAR B . -1.81 -2.62 0.43
O53 PAR B . -1.48 -3.94 0.08
C14 PAR B . -2.58 0.83 3.02
C24 PAR B . -3.10 1.00 4.45
N24 PAR B . -2.06 0.64 5.44
C34 PAR B . -4.39 0.20 4.66
O34 PAR B . -4.89 0.47 5.97
C44 PAR B . -5.42 0.62 3.60
O44 PAR B . -6.64 -0.06 3.77
C54 PAR B . -4.85 0.43 2.18
O54 PAR B . -3.61 1.13 2.06
C64 PAR B . -4.67 -1.04 1.73
N64 PAR B . -5.93 -1.72 1.42
H11 PAR B . -0.01 0.02 -1.76
H21 PAR B . -1.31 -1.39 -3.11
HN21 PAR B . 1.14 -2.80 -2.34
HN22 PAR B . -0.34 -3.48 -2.59
H31 PAR B . 1.15 -2.15 -4.71
HO31 PAR B . -0.20 -3.44 -5.75
H41 PAR B . -1.24 -0.51 -5.65
HO41 PAR B . -0.06 -1.72 -7.19
H51 PAR B . 1.55 0.56 -5.09
H611 PAR B . 0.41 1.76 -6.84
H612 PAR B . -1.11 1.74 -5.94
HO61 PAR B . 0.02 3.95 -5.69
H12 PAR B . 5.51 0.75 -0.19
H121 PAR B . 5.63 2.58 1.31
H122 PAR B . 6.43 2.92 -0.08
H221 PAR B . 4.15 2.80 -1.97
H222 PAR B . 5.71 1.99 -2.28
H32 PAR B . 4.56 -0.18 -2.26
H321 PAR B . 3.47 0.11 -4.35
H322 PAR B . 4.89 0.96 -4.28
H42 PAR B . 2.07 1.59 -1.99
H52 PAR B . 3.26 -0.62 -0.32
H62 PAR B . 2.88 2.19 0.22
HO62 PAR B . 4.13 1.75 2.09
H13 PAR B . 2.12 -1.02 1.66
H23 PAR B . 0.31 1.05 2.10
HO23 PAR B . 1.50 -0.11 3.69
H33 PAR B . -1.45 -0.03 0.88
H43 PAR B . -0.64 -2.62 2.26
H531 PAR B . -2.78 -2.61 0.93
H532 PAR B . -1.87 -2.01 -0.48
HO53 PAR B . -1.80 -4.55 0.76
H14 PAR B . -1.78 1.57 2.89
H24 PAR B . -3.33 2.07 4.60
H241 PAR B . -1.81 -0.33 5.32
H242 PAR B . -1.24 1.21 5.28
H34 PAR B . -4.19 -0.87 4.58
HO34 PAR B . -5.70 -0.04 6.09
H44 PAR B . -5.62 1.69 3.73
HO44 PAR B . -6.97 0.12 4.65
H54 PAR B . -5.54 0.89 1.48
H641 PAR B . -4.04 -1.05 0.83
H642 PAR B . -4.15 -1.60 2.51
HN61 PAR B . -5.74 -2.67 1.12
HN62 PAR B . -6.52 -1.74 2.24
HN23 PAR B . -0.12 -2.42 -1.35
H123 PAR B . 4.95 3.59 0.21
H323 PAR B . 3.44 1.74 -4.14
H243 PAR B . -2.41 0.79 6.37
HN63 PAR B . -6.40 -1.22 0.67
C11 PAR B . 0.50 -0.41 -2.64
O11 PAR B . 1.91 -0.57 -2.54
C21 PAR B . -0.17 -1.78 -2.85
N21 PAR B . 0.24 -2.73 -1.80
C31 PAR B . 0.15 -2.33 -4.25
O31 PAR B . -0.60 -3.51 -4.44
C41 PAR B . -0.23 -1.31 -5.32
O41 PAR B . 0.18 -1.79 -6.59
C51 PAR B . 0.43 0.05 -5.04
O51 PAR B . 0.15 0.48 -3.70
C61 PAR B . -0.11 1.06 -6.06
O61 PAR B . 0.25 2.43 -5.73
C12 PAR B . 4.93 1.61 -0.43
N12 PAR B . 5.54 2.80 0.20
C22 PAR B . 4.66 1.89 -1.91
C32 PAR B . 3.97 0.70 -2.54
N32 PAR B . 3.78 0.91 -3.97
C42 PAR B . 2.61 0.47 -1.84
C52 PAR B . 2.86 0.08 -0.41
O52 PAR B . 1.58 -0.15 0.17
C62 PAR B . 3.63 1.19 0.28
O62 PAR B . 3.95 0.84 1.61
C13 PAR B . 1.52 -0.90 1.38
C23 PAR B . 0.79 -0.04 2.41
O23 PAR B . 1.31 -0.27 3.71
C33 PAR B . -0.65 -0.49 2.24
O33 PAR B . -1.42 -0.12 3.39
C43 PAR B . -0.43 -1.98 1.99
O43 PAR B . 0.72 -2.05 1.18
C53 PAR B . -1.59 -2.70 1.30
O53 PAR B . -2.25 -3.53 2.23
C14 PAR B . -2.83 -0.16 3.24
C24 PAR B . -3.47 1.09 3.87
N24 PAR B . -2.85 2.33 3.34
C34 PAR B . -3.41 1.05 5.41
O34 PAR B . -4.10 2.17 5.94
C44 PAR B . -4.08 -0.24 5.88
O44 PAR B . -4.07 -0.36 7.28
C54 PAR B . -3.38 -1.46 5.25
O54 PAR B . -3.37 -1.35 3.82
C64 PAR B . -1.98 -1.71 5.84
N64 PAR B . -1.38 -2.96 5.35
H11 PAR B . 0.09 -0.02 -1.72
H21 PAR B . -1.26 -1.67 -2.78
HN21 PAR B . 1.24 -2.87 -1.84
HN22 PAR B . -0.21 -3.63 -1.95
H31 PAR B . 1.22 -2.54 -4.33
HO31 PAR B . -0.26 -3.96 -5.21
H41 PAR B . -1.32 -1.18 -5.33
HO41 PAR B . -0.25 -2.64 -6.74
H51 PAR B . 1.51 -0.03 -5.16
H611 PAR B . 0.27 0.81 -7.04
H612 PAR B . -1.20 1.00 -6.08
HO61 PAR B . -0.04 3.18 -6.32
H12 PAR B . 5.64 0.80 -0.36
H121 PAR B . 5.73 2.61 1.17
H122 PAR B . 6.38 3.05 -0.29
H221 PAR B . 4.01 2.76 -2.00
H222 PAR B . 5.61 2.07 -2.42
H32 PAR B . 4.62 -0.17 -2.42
H321 PAR B . 3.17 1.72 -4.10
H322 PAR B . 3.35 0.10 -4.39
H42 PAR B . 2.04 1.40 -1.90
H52 PAR B . 3.51 -0.76 -0.35
H62 PAR B . 2.94 2.00 0.28
HO62 PAR B . 4.39 1.59 2.02
H13 PAR B . 2.51 -1.19 1.73
H23 PAR B . 0.88 1.02 2.17
HO23 PAR B . 2.23 -0.01 3.73
H33 PAR B . -1.06 -0.05 1.33
H43 PAR B . -0.21 -2.49 2.92
H531 PAR B . -2.28 -1.97 0.87
H532 PAR B . -1.17 -3.32 0.51
HO53 PAR B . -2.58 -4.29 1.75
H14 PAR B . -3.09 -0.14 2.19
H24 PAR B . -4.52 1.11 3.58
H241 PAR B . -3.31 3.14 3.74
H242 PAR B . -1.87 2.34 3.59
H34 PAR B . -2.38 1.09 5.74
HO34 PAR B . -4.07 2.12 6.90
H44 PAR B . -5.13 -0.24 5.55
HO44 PAR B . -4.51 -1.17 7.54
H54 PAR B . -3.98 -2.34 5.49
H641 PAR B . -1.33 -0.87 5.60
H642 PAR B . -2.07 -1.78 6.93
HN61 PAR B . -0.47 -3.08 5.75
HN62 PAR B . -1.97 -3.74 5.59
HN23 PAR B . -0.02 -2.37 -0.90
H123 PAR B . 4.88 3.56 0.13
H323 PAR B . 4.67 1.08 -4.41
H243 PAR B . -2.94 2.34 2.34
HN63 PAR B . -1.30 -2.91 4.34
#